data_2VWG
#
_entry.id   2VWG
#
_cell.length_a   61.647
_cell.length_b   112.205
_cell.length_c   150.597
_cell.angle_alpha   90.00
_cell.angle_beta   90.00
_cell.angle_gamma   90.00
#
_symmetry.space_group_name_H-M   'I 2 2 2'
#
loop_
_entity.id
_entity.type
_entity.pdbx_description
1 polymer 'GLUCOSE DEHYDROGENASE'
2 non-polymer 'NADP NICOTINAMIDE-ADENINE-DINUCLEOTIDE PHOSPHATE'
3 non-polymer D-glucono-1,5-lactone
4 non-polymer 'ZINC ION'
5 water water
#
_entity_poly.entity_id   1
_entity_poly.type   'polypeptide(L)'
_entity_poly.pdbx_seq_one_letter_code
;MKAIAVKRGEDRPVVIEKPRPEPESGEALVRTLRVGVDGTDHEVIAGGHGGFPEGEDHLVLGHEAVGVVVDPNDTELEEG
DIVVPTVRRPPASGTNEYFERDQPDMAPDGMYFERGIVGAHGYMSEFFTSPEKYLVRIPRSQAELGFLIEPISITEKALE
HAYASRSAFDWDPSSAFVLGNGSLGLLTLAMLKVDDKGYENLYCLGRRDRPDPTIDIIEELDATYVDSRQTPVEDVPDVY
EQMDFIYEATGFPKHAIQSVQALAPNGVGALLGVPSDWAFEVDAGAFHREMVLHNKALVGSVNSHVEHFEAATVTFTKLP
KWFLEDLVTGVHPLSEFEAAFDDDDTTIKTAIEFSTV
;
_entity_poly.pdbx_strand_id   A
#
loop_
_chem_comp.id
_chem_comp.type
_chem_comp.name
_chem_comp.formula
LGC D-saccharide D-glucono-1,5-lactone 'C6 H10 O6'
NAP non-polymer 'NADP NICOTINAMIDE-ADENINE-DINUCLEOTIDE PHOSPHATE' 'C21 H28 N7 O17 P3'
ZN non-polymer 'ZINC ION' 'Zn 2'
#
# COMPACT_ATOMS: atom_id res chain seq x y z
N MET A 1 0.36 -26.68 -9.50
CA MET A 1 1.21 -25.47 -9.53
C MET A 1 1.72 -25.19 -8.12
N LYS A 2 2.81 -24.44 -8.05
CA LYS A 2 3.35 -24.04 -6.75
C LYS A 2 2.76 -22.72 -6.28
N ALA A 3 2.60 -22.61 -4.97
CA ALA A 3 2.11 -21.39 -4.33
C ALA A 3 2.87 -21.20 -3.03
N ILE A 4 2.93 -19.97 -2.56
CA ILE A 4 3.55 -19.64 -1.29
C ILE A 4 2.44 -19.25 -0.32
N ALA A 5 2.40 -19.95 0.82
CA ALA A 5 1.28 -19.86 1.74
C ALA A 5 1.75 -19.87 3.18
N VAL A 6 0.91 -19.33 4.07
CA VAL A 6 1.08 -19.56 5.51
C VAL A 6 0.05 -20.61 5.91
N LYS A 7 0.45 -21.58 6.73
CA LYS A 7 -0.46 -22.63 7.22
C LYS A 7 -0.89 -22.30 8.63
N ARG A 8 -2.13 -22.66 8.98
CA ARG A 8 -2.65 -22.36 10.32
C ARG A 8 -1.76 -23.01 11.38
N GLY A 9 -1.48 -22.25 12.45
CA GLY A 9 -0.57 -22.69 13.50
C GLY A 9 0.90 -22.43 13.19
N GLU A 10 1.26 -22.53 11.91
CA GLU A 10 2.66 -22.40 11.49
C GLU A 10 3.13 -20.94 11.50
N ASP A 11 4.45 -20.77 11.47
CA ASP A 11 5.08 -19.48 11.76
C ASP A 11 5.61 -18.75 10.51
N ARG A 12 5.96 -19.52 9.48
CA ARG A 12 6.64 -18.97 8.30
C ARG A 12 5.93 -19.35 7.00
N PRO A 13 6.26 -18.64 5.89
CA PRO A 13 5.68 -19.03 4.60
C PRO A 13 6.34 -20.30 4.08
N VAL A 14 5.55 -21.15 3.45
CA VAL A 14 6.02 -22.39 2.86
C VAL A 14 5.48 -22.56 1.45
N VAL A 15 6.11 -23.42 0.66
CA VAL A 15 5.62 -23.77 -0.65
C VAL A 15 4.59 -24.87 -0.45
N ILE A 16 3.46 -24.73 -1.14
CA ILE A 16 2.46 -25.80 -1.23
C ILE A 16 2.20 -26.03 -2.70
N GLU A 17 1.48 -27.11 -3.02
CA GLU A 17 1.03 -27.36 -4.38
C GLU A 17 -0.48 -27.41 -4.43
N LYS A 18 -1.02 -26.83 -5.50
CA LYS A 18 -2.44 -26.68 -5.73
C LYS A 18 -2.68 -26.95 -7.21
N PRO A 19 -3.92 -27.35 -7.56
CA PRO A 19 -4.23 -27.46 -8.98
C PRO A 19 -4.27 -26.07 -9.64
N ARG A 20 -3.89 -26.00 -10.90
CA ARG A 20 -4.05 -24.78 -11.68
C ARG A 20 -5.54 -24.46 -11.79
N PRO A 21 -5.94 -23.22 -11.46
CA PRO A 21 -7.36 -22.89 -11.58
C PRO A 21 -7.82 -22.75 -13.03
N GLU A 22 -9.14 -22.90 -13.22
CA GLU A 22 -9.77 -22.72 -14.52
C GLU A 22 -10.70 -21.52 -14.42
N PRO A 23 -10.62 -20.62 -15.40
CA PRO A 23 -11.48 -19.44 -15.36
C PRO A 23 -12.93 -19.80 -15.64
N GLU A 24 -13.83 -19.23 -14.86
CA GLU A 24 -15.24 -19.27 -15.12
C GLU A 24 -15.58 -18.15 -16.09
N SER A 25 -16.86 -18.05 -16.44
CA SER A 25 -17.31 -17.05 -17.38
C SER A 25 -17.04 -15.65 -16.81
N GLY A 26 -16.50 -14.77 -17.65
CA GLY A 26 -16.15 -13.42 -17.23
C GLY A 26 -14.78 -13.31 -16.58
N GLU A 27 -14.07 -14.42 -16.44
CA GLU A 27 -12.73 -14.45 -15.84
C GLU A 27 -11.65 -14.74 -16.87
N ALA A 28 -10.45 -14.22 -16.62
CA ALA A 28 -9.28 -14.55 -17.41
C ALA A 28 -8.31 -15.38 -16.57
N LEU A 29 -7.48 -16.18 -17.24
CA LEU A 29 -6.39 -16.89 -16.58
C LEU A 29 -5.11 -16.09 -16.79
N VAL A 30 -4.42 -15.83 -15.69
CA VAL A 30 -3.24 -14.97 -15.67
C VAL A 30 -2.04 -15.78 -15.15
N ARG A 31 -0.91 -15.63 -15.83
CA ARG A 31 0.32 -16.23 -15.39
C ARG A 31 1.05 -15.17 -14.59
N THR A 32 1.35 -15.47 -13.33
CA THR A 32 1.96 -14.51 -12.41
C THR A 32 3.40 -14.19 -12.83
N LEU A 33 3.74 -12.91 -12.86
CA LEU A 33 5.11 -12.50 -13.14
C LEU A 33 5.88 -12.27 -11.85
N ARG A 34 5.46 -11.24 -11.10
CA ARG A 34 6.09 -10.84 -9.86
C ARG A 34 5.03 -10.44 -8.84
N VAL A 35 5.31 -10.73 -7.58
CA VAL A 35 4.45 -10.34 -6.48
C VAL A 35 5.30 -9.67 -5.42
N GLY A 36 4.89 -8.46 -5.04
CA GLY A 36 5.58 -7.70 -4.01
C GLY A 36 5.23 -8.17 -2.61
N VAL A 37 6.08 -7.79 -1.66
CA VAL A 37 5.87 -8.08 -0.24
C VAL A 37 5.87 -6.75 0.50
N ASP A 38 5.00 -6.60 1.49
CA ASP A 38 5.00 -5.36 2.30
C ASP A 38 4.75 -5.65 3.78
N GLY A 39 4.68 -4.58 4.56
CA GLY A 39 4.41 -4.66 5.98
C GLY A 39 3.15 -5.41 6.33
N THR A 40 2.10 -5.24 5.52
CA THR A 40 0.83 -5.93 5.75
C THR A 40 1.01 -7.45 5.67
N ASP A 41 1.80 -7.92 4.70
CA ASP A 41 2.06 -9.36 4.56
C ASP A 41 2.73 -9.96 5.81
N HIS A 42 3.66 -9.19 6.38
CA HIS A 42 4.34 -9.61 7.60
C HIS A 42 3.34 -9.68 8.75
N GLU A 43 2.43 -8.71 8.81
CA GLU A 43 1.40 -8.70 9.84
C GLU A 43 0.44 -9.88 9.65
N VAL A 44 0.20 -10.27 8.41
CA VAL A 44 -0.65 -11.44 8.11
C VAL A 44 0.04 -12.73 8.55
N ILE A 45 1.34 -12.82 8.30
CA ILE A 45 2.11 -13.99 8.69
C ILE A 45 2.14 -14.14 10.23
N ALA A 46 2.31 -13.02 10.93
CA ALA A 46 2.34 -12.99 12.40
C ALA A 46 0.97 -13.19 13.09
N GLY A 47 -0.12 -13.01 12.34
CA GLY A 47 -1.47 -13.14 12.90
C GLY A 47 -2.11 -11.85 13.40
N GLY A 48 -1.42 -10.73 13.22
CA GLY A 48 -1.91 -9.42 13.64
C GLY A 48 -3.03 -8.82 12.79
N HIS A 49 -3.21 -9.34 11.57
CA HIS A 49 -4.21 -8.79 10.63
C HIS A 49 -4.65 -9.89 9.64
N GLY A 50 -5.90 -9.79 9.17
CA GLY A 50 -6.41 -10.71 8.16
C GLY A 50 -6.93 -12.02 8.72
N GLY A 51 -7.11 -13.00 7.85
CA GLY A 51 -7.68 -14.29 8.23
C GLY A 51 -7.78 -15.26 7.08
N PHE A 52 -7.89 -16.55 7.41
CA PHE A 52 -7.87 -17.62 6.42
C PHE A 52 -9.21 -17.74 5.73
N PRO A 53 -9.22 -18.35 4.53
CA PRO A 53 -10.48 -18.66 3.91
C PRO A 53 -11.22 -19.71 4.73
N GLU A 54 -12.55 -19.61 4.78
CA GLU A 54 -13.38 -20.59 5.48
C GLU A 54 -13.09 -22.01 4.99
N GLY A 55 -12.87 -22.93 5.93
CA GLY A 55 -12.66 -24.34 5.62
C GLY A 55 -11.34 -24.67 4.94
N GLU A 56 -10.35 -23.79 5.08
CA GLU A 56 -9.02 -24.01 4.49
C GLU A 56 -7.94 -24.03 5.57
N ASP A 57 -6.94 -24.88 5.35
CA ASP A 57 -5.80 -25.03 6.27
C ASP A 57 -4.71 -23.97 6.06
N HIS A 58 -4.81 -23.19 4.98
CA HIS A 58 -3.74 -22.28 4.58
C HIS A 58 -4.27 -21.01 3.90
N LEU A 59 -3.39 -20.03 3.75
CA LEU A 59 -3.69 -18.81 3.00
C LEU A 59 -2.53 -18.52 2.06
N VAL A 60 -2.79 -18.55 0.75
CA VAL A 60 -1.80 -18.12 -0.25
C VAL A 60 -1.63 -16.61 -0.06
N LEU A 61 -0.38 -16.20 0.09
CA LEU A 61 -0.06 -14.80 0.34
C LEU A 61 0.03 -13.98 -0.96
N GLY A 62 0.16 -12.66 -0.78
CA GLY A 62 0.46 -11.77 -1.89
C GLY A 62 -0.75 -11.01 -2.37
N HIS A 63 -0.68 -9.68 -2.30
CA HIS A 63 -1.76 -8.84 -2.79
C HIS A 63 -1.29 -7.78 -3.79
N GLU A 64 0.02 -7.72 -4.03
CA GLU A 64 0.65 -6.76 -4.93
C GLU A 64 1.24 -7.56 -6.10
N ALA A 65 0.49 -7.69 -7.17
CA ALA A 65 0.87 -8.63 -8.24
C ALA A 65 0.81 -8.00 -9.61
N VAL A 66 1.63 -8.52 -10.51
CA VAL A 66 1.53 -8.21 -11.93
C VAL A 66 1.63 -9.53 -12.68
N GLY A 67 0.83 -9.68 -13.71
CA GLY A 67 0.80 -10.92 -14.48
C GLY A 67 0.58 -10.69 -15.96
N VAL A 68 0.61 -11.77 -16.71
CA VAL A 68 0.29 -11.74 -18.15
C VAL A 68 -0.89 -12.65 -18.43
N VAL A 69 -1.86 -12.14 -19.18
CA VAL A 69 -3.03 -12.92 -19.55
C VAL A 69 -2.61 -14.03 -20.51
N VAL A 70 -2.92 -15.27 -20.13
CA VAL A 70 -2.59 -16.43 -20.96
C VAL A 70 -3.86 -17.00 -21.61
N ASP A 71 -5.00 -16.89 -20.93
CA ASP A 71 -6.28 -17.25 -21.52
C ASP A 71 -7.33 -16.17 -21.21
N PRO A 72 -7.70 -15.37 -22.22
CA PRO A 72 -8.72 -14.34 -22.02
C PRO A 72 -10.13 -14.90 -21.86
N ASN A 73 -10.33 -16.16 -22.24
CA ASN A 73 -11.61 -16.82 -22.06
C ASN A 73 -12.67 -16.00 -22.82
N ASP A 74 -13.76 -15.60 -22.18
CA ASP A 74 -14.79 -14.83 -22.87
C ASP A 74 -14.78 -13.35 -22.49
N THR A 75 -13.60 -12.83 -22.12
CA THR A 75 -13.44 -11.42 -21.73
C THR A 75 -12.92 -10.61 -22.91
N GLU A 76 -12.88 -9.29 -22.75
CA GLU A 76 -12.34 -8.39 -23.78
C GLU A 76 -10.84 -8.18 -23.65
N LEU A 77 -10.19 -8.91 -22.73
CA LEU A 77 -8.74 -8.87 -22.64
C LEU A 77 -8.15 -9.67 -23.78
N GLU A 78 -6.86 -9.44 -24.04
CA GLU A 78 -6.16 -10.08 -25.12
C GLU A 78 -4.99 -10.88 -24.56
N GLU A 79 -4.71 -12.00 -25.21
CA GLU A 79 -3.58 -12.84 -24.83
C GLU A 79 -2.33 -11.96 -24.81
N GLY A 80 -1.54 -12.09 -23.75
CA GLY A 80 -0.32 -11.26 -23.62
C GLY A 80 -0.48 -9.88 -22.99
N ASP A 81 -1.70 -9.47 -22.69
CA ASP A 81 -1.92 -8.22 -21.94
C ASP A 81 -1.24 -8.31 -20.57
N ILE A 82 -0.64 -7.21 -20.14
CA ILE A 82 -0.04 -7.14 -18.82
C ILE A 82 -1.09 -6.55 -17.91
N VAL A 83 -1.40 -7.25 -16.82
CA VAL A 83 -2.46 -6.84 -15.91
C VAL A 83 -2.02 -6.86 -14.44
N VAL A 84 -2.65 -5.97 -13.67
CA VAL A 84 -2.54 -5.91 -12.23
C VAL A 84 -3.93 -6.12 -11.64
N PRO A 85 -4.09 -7.13 -10.76
CA PRO A 85 -5.38 -7.35 -10.14
C PRO A 85 -5.64 -6.40 -8.96
N THR A 86 -6.90 -5.98 -8.80
CA THR A 86 -7.35 -5.36 -7.57
C THR A 86 -7.42 -6.42 -6.46
N VAL A 87 -7.60 -5.95 -5.23
CA VAL A 87 -7.47 -6.83 -4.08
C VAL A 87 -8.82 -7.32 -3.53
N ARG A 88 -9.86 -6.49 -3.59
CA ARG A 88 -11.13 -6.87 -2.97
C ARG A 88 -12.05 -7.68 -3.89
N ARG A 89 -12.72 -8.66 -3.29
CA ARG A 89 -13.70 -9.49 -3.99
C ARG A 89 -14.93 -9.63 -3.09
N PRO A 90 -16.11 -9.86 -3.69
CA PRO A 90 -17.32 -10.06 -2.89
C PRO A 90 -17.19 -11.25 -1.93
N PRO A 91 -17.82 -11.16 -0.74
CA PRO A 91 -17.71 -12.24 0.22
C PRO A 91 -18.58 -13.46 -0.15
N ALA A 92 -18.59 -14.46 0.72
CA ALA A 92 -19.32 -15.72 0.53
C ALA A 92 -20.81 -15.50 0.22
N SER A 93 -21.42 -14.60 0.98
CA SER A 93 -22.83 -14.25 0.82
C SER A 93 -23.20 -13.66 -0.56
N GLY A 94 -22.21 -13.22 -1.32
CA GLY A 94 -22.44 -12.68 -2.67
C GLY A 94 -22.24 -11.18 -2.75
N THR A 95 -22.62 -10.59 -3.88
CA THR A 95 -22.40 -9.17 -4.14
C THR A 95 -23.23 -8.28 -3.22
N ASN A 96 -22.87 -6.99 -3.18
CA ASN A 96 -23.57 -6.01 -2.37
C ASN A 96 -23.42 -4.62 -3.00
N GLU A 97 -24.05 -3.62 -2.38
CA GLU A 97 -24.10 -2.27 -2.95
C GLU A 97 -22.72 -1.68 -3.25
N TYR A 98 -21.73 -1.98 -2.41
CA TYR A 98 -20.39 -1.43 -2.61
C TYR A 98 -19.76 -1.96 -3.89
N PHE A 99 -19.97 -3.23 -4.19
CA PHE A 99 -19.45 -3.82 -5.41
C PHE A 99 -20.28 -3.38 -6.61
N GLU A 100 -21.60 -3.34 -6.45
CA GLU A 100 -22.49 -2.94 -7.54
C GLU A 100 -22.24 -1.50 -8.00
N ARG A 101 -21.94 -0.61 -7.06
CA ARG A 101 -21.66 0.78 -7.38
C ARG A 101 -20.17 1.02 -7.67
N ASP A 102 -19.39 -0.05 -7.78
CA ASP A 102 -17.95 0.05 -8.11
C ASP A 102 -17.14 0.85 -7.08
N GLN A 103 -17.44 0.65 -5.81
CA GLN A 103 -16.62 1.24 -4.75
C GLN A 103 -16.38 0.23 -3.62
N PRO A 104 -15.85 -0.97 -3.97
CA PRO A 104 -15.57 -2.00 -2.97
C PRO A 104 -14.57 -1.57 -1.92
N ASP A 105 -13.71 -0.61 -2.26
CA ASP A 105 -12.75 -0.05 -1.31
C ASP A 105 -13.41 0.66 -0.12
N MET A 106 -14.69 1.01 -0.26
CA MET A 106 -15.45 1.62 0.83
C MET A 106 -16.28 0.60 1.64
N ALA A 107 -16.24 -0.66 1.25
CA ALA A 107 -17.05 -1.68 1.93
C ALA A 107 -16.51 -1.92 3.35
N PRO A 108 -17.43 -2.04 4.32
CA PRO A 108 -17.00 -2.38 5.68
C PRO A 108 -16.67 -3.85 5.92
N ASP A 109 -16.10 -4.09 7.10
CA ASP A 109 -15.81 -5.43 7.63
C ASP A 109 -16.94 -6.40 7.36
N GLY A 110 -16.59 -7.58 6.84
CA GLY A 110 -17.58 -8.62 6.58
C GLY A 110 -18.29 -8.49 5.24
N MET A 111 -18.02 -7.42 4.50
CA MET A 111 -18.68 -7.22 3.21
C MET A 111 -17.70 -7.31 2.05
N TYR A 112 -16.54 -7.89 2.33
CA TYR A 112 -15.52 -8.09 1.32
C TYR A 112 -14.57 -9.21 1.76
N PHE A 113 -13.91 -9.80 0.77
CA PHE A 113 -12.67 -10.51 0.97
C PHE A 113 -11.56 -9.67 0.37
N GLU A 114 -10.35 -9.83 0.92
CA GLU A 114 -9.13 -9.27 0.32
C GLU A 114 -8.18 -10.41 0.00
N ARG A 115 -7.90 -10.58 -1.29
CA ARG A 115 -7.05 -11.65 -1.73
C ARG A 115 -5.65 -11.49 -1.14
N GLY A 116 -5.16 -12.55 -0.52
CA GLY A 116 -3.87 -12.56 0.15
C GLY A 116 -3.87 -12.02 1.57
N ILE A 117 -5.02 -11.57 2.07
CA ILE A 117 -5.08 -10.88 3.34
C ILE A 117 -6.22 -11.44 4.21
N VAL A 118 -7.46 -11.37 3.71
CA VAL A 118 -8.58 -11.89 4.48
C VAL A 118 -9.62 -12.62 3.65
N GLY A 119 -9.79 -13.90 3.99
CA GLY A 119 -10.89 -14.70 3.50
C GLY A 119 -10.74 -15.25 2.10
N ALA A 120 -9.64 -14.92 1.41
CA ALA A 120 -9.42 -15.39 0.05
C ALA A 120 -7.93 -15.48 -0.26
N HIS A 121 -7.56 -16.49 -1.01
CA HIS A 121 -6.16 -16.70 -1.40
C HIS A 121 -5.62 -15.54 -2.24
N GLY A 122 -4.35 -15.23 -2.04
CA GLY A 122 -3.65 -14.19 -2.78
C GLY A 122 -3.05 -14.63 -4.10
N TYR A 123 -1.99 -13.94 -4.51
CA TYR A 123 -1.46 -14.04 -5.87
C TYR A 123 -0.08 -14.71 -5.96
N MET A 124 0.46 -15.20 -4.85
CA MET A 124 1.75 -15.92 -4.88
C MET A 124 1.58 -17.38 -5.27
N SER A 125 1.08 -17.55 -6.50
CA SER A 125 0.94 -18.84 -7.15
C SER A 125 1.33 -18.61 -8.59
N GLU A 126 1.66 -19.69 -9.29
CA GLU A 126 2.09 -19.56 -10.67
C GLU A 126 1.04 -18.98 -11.60
N PHE A 127 -0.22 -19.29 -11.31
CA PHE A 127 -1.35 -18.80 -12.08
C PHE A 127 -2.44 -18.39 -11.13
N PHE A 128 -3.29 -17.47 -11.59
CA PHE A 128 -4.51 -17.15 -10.88
C PHE A 128 -5.56 -16.71 -11.87
N THR A 129 -6.81 -16.72 -11.43
CA THR A 129 -7.91 -16.20 -12.22
C THR A 129 -8.48 -14.99 -11.55
N SER A 130 -9.08 -14.12 -12.33
CA SER A 130 -9.90 -13.05 -11.79
C SER A 130 -10.90 -12.60 -12.85
N PRO A 131 -12.02 -12.04 -12.38
CA PRO A 131 -12.92 -11.32 -13.27
C PRO A 131 -12.24 -10.16 -13.97
N GLU A 132 -12.59 -10.00 -15.24
CA GLU A 132 -12.08 -8.93 -16.10
C GLU A 132 -12.19 -7.57 -15.45
N LYS A 133 -13.31 -7.32 -14.77
CA LYS A 133 -13.54 -6.01 -14.19
C LYS A 133 -12.53 -5.64 -13.08
N TYR A 134 -11.85 -6.64 -12.52
CA TYR A 134 -10.84 -6.42 -11.46
C TYR A 134 -9.41 -6.59 -11.94
N LEU A 135 -9.23 -6.67 -13.26
CA LEU A 135 -7.91 -6.75 -13.85
C LEU A 135 -7.64 -5.43 -14.54
N VAL A 136 -6.59 -4.72 -14.13
CA VAL A 136 -6.28 -3.41 -14.72
C VAL A 136 -5.13 -3.58 -15.69
N ARG A 137 -5.36 -3.28 -16.97
CA ARG A 137 -4.27 -3.31 -17.95
C ARG A 137 -3.29 -2.20 -17.67
N ILE A 138 -2.00 -2.51 -17.73
CA ILE A 138 -0.96 -1.50 -17.56
C ILE A 138 -0.01 -1.54 -18.77
N PRO A 139 0.73 -0.44 -19.01
CA PRO A 139 1.67 -0.46 -20.15
C PRO A 139 2.68 -1.58 -20.03
N ARG A 140 3.02 -2.22 -21.14
CA ARG A 140 3.88 -3.39 -21.10
C ARG A 140 5.23 -3.12 -20.44
N SER A 141 5.77 -1.93 -20.65
CA SER A 141 7.05 -1.58 -20.07
C SER A 141 7.05 -1.42 -18.54
N GLN A 142 5.87 -1.36 -17.92
CA GLN A 142 5.80 -1.34 -16.46
C GLN A 142 5.71 -2.77 -15.87
N ALA A 143 5.80 -3.80 -16.72
CA ALA A 143 5.68 -5.21 -16.23
C ALA A 143 6.71 -5.55 -15.14
N GLU A 144 7.97 -5.18 -15.35
CA GLU A 144 9.03 -5.56 -14.40
C GLU A 144 8.80 -5.04 -12.97
N LEU A 145 8.28 -3.83 -12.85
CA LEU A 145 8.03 -3.24 -11.55
C LEU A 145 6.54 -3.05 -11.29
N GLY A 146 5.71 -3.84 -11.96
CA GLY A 146 4.27 -3.64 -11.96
C GLY A 146 3.60 -3.95 -10.63
N PHE A 147 4.31 -4.66 -9.77
CA PHE A 147 3.83 -4.94 -8.41
C PHE A 147 3.80 -3.68 -7.56
N LEU A 148 4.42 -2.59 -8.04
CA LEU A 148 4.36 -1.31 -7.33
C LEU A 148 3.06 -0.55 -7.61
N ILE A 149 2.32 -0.97 -8.65
CA ILE A 149 1.08 -0.25 -9.01
C ILE A 149 0.07 -0.29 -7.86
N GLU A 150 -0.05 -1.44 -7.19
CA GLU A 150 -1.00 -1.55 -6.09
C GLU A 150 -0.68 -0.59 -4.93
N PRO A 151 0.55 -0.62 -4.40
CA PRO A 151 0.87 0.33 -3.32
C PRO A 151 0.78 1.81 -3.72
N ILE A 152 1.15 2.13 -4.96
CA ILE A 152 0.95 3.47 -5.47
C ILE A 152 -0.53 3.83 -5.43
N SER A 153 -1.39 2.89 -5.83
CA SER A 153 -2.83 3.14 -5.87
C SER A 153 -3.41 3.44 -4.49
N ILE A 154 -2.82 2.86 -3.44
CA ILE A 154 -3.20 3.13 -2.05
C ILE A 154 -3.07 4.62 -1.74
N THR A 155 -1.93 5.18 -2.11
CA THR A 155 -1.70 6.59 -1.92
C THR A 155 -2.58 7.45 -2.84
N GLU A 156 -2.82 6.99 -4.07
CA GLU A 156 -3.71 7.73 -4.97
C GLU A 156 -5.09 7.90 -4.33
N LYS A 157 -5.61 6.85 -3.71
CA LYS A 157 -6.89 6.97 -3.00
C LYS A 157 -6.79 7.90 -1.81
N ALA A 158 -5.78 7.72 -0.97
CA ALA A 158 -5.64 8.53 0.24
C ALA A 158 -5.58 10.02 -0.10
N LEU A 159 -4.83 10.36 -1.16
CA LEU A 159 -4.73 11.75 -1.58
C LEU A 159 -6.07 12.30 -2.11
N GLU A 160 -6.79 11.48 -2.87
CA GLU A 160 -8.10 11.89 -3.34
C GLU A 160 -9.03 12.27 -2.19
N HIS A 161 -9.10 11.44 -1.16
CA HIS A 161 -9.99 11.71 -0.03
C HIS A 161 -9.50 12.88 0.84
N ALA A 162 -8.20 12.93 1.13
CA ALA A 162 -7.63 14.02 1.92
C ALA A 162 -7.83 15.36 1.22
N TYR A 163 -7.55 15.40 -0.08
CA TYR A 163 -7.71 16.62 -0.84
C TYR A 163 -9.19 17.02 -0.96
N ALA A 164 -10.09 16.03 -1.09
CA ALA A 164 -11.52 16.30 -1.11
C ALA A 164 -11.96 17.04 0.16
N SER A 165 -11.40 16.65 1.30
CA SER A 165 -11.72 17.27 2.59
C SER A 165 -11.35 18.76 2.65
N ARG A 166 -10.43 19.18 1.79
CA ARG A 166 -9.99 20.57 1.72
C ARG A 166 -10.61 21.33 0.54
N SER A 167 -11.60 20.75 -0.13
CA SER A 167 -12.09 21.32 -1.41
C SER A 167 -13.11 22.46 -1.25
N ALA A 168 -13.55 22.73 -0.02
CA ALA A 168 -14.55 23.77 0.21
C ALA A 168 -13.92 25.16 0.37
N PHE A 169 -12.59 25.24 0.38
CA PHE A 169 -11.91 26.54 0.42
C PHE A 169 -10.67 26.47 -0.47
N ASP A 170 -9.97 27.59 -0.60
CA ASP A 170 -8.75 27.69 -1.41
C ASP A 170 -7.56 27.29 -0.55
N TRP A 171 -7.13 26.06 -0.72
CA TRP A 171 -6.06 25.48 0.07
C TRP A 171 -4.86 25.41 -0.86
N ASP A 172 -3.75 26.02 -0.45
CA ASP A 172 -2.50 25.92 -1.20
C ASP A 172 -1.40 25.48 -0.24
N PRO A 173 -1.18 24.17 -0.15
CA PRO A 173 -0.16 23.68 0.78
C PRO A 173 1.27 23.89 0.26
N SER A 174 2.22 24.01 1.17
CA SER A 174 3.62 24.08 0.76
C SER A 174 4.50 23.02 1.43
N SER A 175 4.06 22.47 2.57
CA SER A 175 4.84 21.48 3.28
C SER A 175 4.09 20.16 3.45
N ALA A 176 4.82 19.07 3.33
CA ALA A 176 4.28 17.73 3.53
C ALA A 176 5.21 16.86 4.35
N PHE A 177 4.63 16.04 5.21
CA PHE A 177 5.36 15.25 6.19
C PHE A 177 4.86 13.83 6.12
N VAL A 178 5.74 12.90 5.75
CA VAL A 178 5.39 11.49 5.71
C VAL A 178 5.90 10.81 6.96
N LEU A 179 5.01 10.13 7.68
CA LEU A 179 5.40 9.42 8.88
C LEU A 179 5.65 7.97 8.52
N GLY A 180 6.91 7.56 8.62
CA GLY A 180 7.30 6.19 8.34
C GLY A 180 8.19 6.10 7.12
N ASN A 181 9.23 5.26 7.23
CA ASN A 181 10.24 5.11 6.19
C ASN A 181 10.23 3.69 5.64
N GLY A 182 9.05 3.07 5.67
CA GLY A 182 8.84 1.79 5.01
C GLY A 182 8.62 2.01 3.54
N SER A 183 8.34 0.94 2.82
CA SER A 183 8.17 1.03 1.38
C SER A 183 6.98 1.93 1.02
N LEU A 184 5.89 1.87 1.79
CA LEU A 184 4.75 2.76 1.50
C LEU A 184 5.10 4.24 1.74
N GLY A 185 5.74 4.53 2.87
CA GLY A 185 6.15 5.90 3.18
C GLY A 185 7.10 6.48 2.16
N LEU A 186 8.11 5.70 1.78
CA LEU A 186 9.11 6.18 0.80
C LEU A 186 8.51 6.39 -0.58
N LEU A 187 7.66 5.47 -1.02
CA LEU A 187 6.95 5.64 -2.28
C LEU A 187 6.12 6.91 -2.26
N THR A 188 5.42 7.12 -1.15
CA THR A 188 4.56 8.27 -1.01
C THR A 188 5.35 9.58 -1.00
N LEU A 189 6.54 9.57 -0.39
CA LEU A 189 7.40 10.75 -0.40
C LEU A 189 7.76 11.16 -1.84
N ALA A 190 8.15 10.19 -2.65
CA ALA A 190 8.44 10.43 -4.07
C ALA A 190 7.23 10.93 -4.85
N MET A 191 6.05 10.38 -4.56
CA MET A 191 4.81 10.83 -5.19
C MET A 191 4.52 12.28 -4.83
N LEU A 192 4.79 12.66 -3.59
CA LEU A 192 4.51 14.02 -3.15
C LEU A 192 5.43 15.04 -3.81
N LYS A 193 6.65 14.61 -4.11
CA LYS A 193 7.61 15.45 -4.83
C LYS A 193 7.09 15.83 -6.22
N VAL A 194 6.33 14.94 -6.85
CA VAL A 194 5.80 15.20 -8.18
C VAL A 194 4.32 15.59 -8.18
N ASP A 195 3.72 15.73 -7.00
CA ASP A 195 2.30 16.07 -6.86
C ASP A 195 2.05 17.48 -7.42
N ASP A 196 0.90 17.63 -8.08
CA ASP A 196 0.44 18.93 -8.66
C ASP A 196 0.22 20.04 -7.64
N LYS A 197 -0.05 19.68 -6.39
CA LYS A 197 -0.21 20.68 -5.32
C LYS A 197 1.04 21.53 -5.08
N GLY A 198 2.19 21.08 -5.55
CA GLY A 198 3.42 21.88 -5.49
C GLY A 198 3.97 22.04 -4.09
N TYR A 199 4.39 20.94 -3.48
CA TYR A 199 4.99 20.99 -2.17
C TYR A 199 6.42 21.49 -2.32
N GLU A 200 6.80 22.43 -1.47
CA GLU A 200 8.16 22.99 -1.49
C GLU A 200 9.07 22.29 -0.51
N ASN A 201 8.54 21.95 0.66
CA ASN A 201 9.34 21.34 1.70
C ASN A 201 8.78 19.99 2.09
N LEU A 202 9.60 18.95 1.93
CA LEU A 202 9.19 17.57 2.28
C LEU A 202 9.99 17.05 3.46
N TYR A 203 9.34 16.23 4.27
CA TYR A 203 9.90 15.69 5.51
C TYR A 203 9.48 14.25 5.64
N CYS A 204 10.33 13.42 6.22
CA CYS A 204 10.00 12.03 6.45
C CYS A 204 10.53 11.57 7.77
N LEU A 205 9.64 10.97 8.57
CA LEU A 205 9.96 10.50 9.91
C LEU A 205 10.37 9.04 9.91
N GLY A 206 11.45 8.75 10.61
CA GLY A 206 11.91 7.39 10.85
C GLY A 206 12.65 7.35 12.18
N ARG A 207 13.31 6.24 12.48
CA ARG A 207 14.04 6.10 13.74
C ARG A 207 15.29 5.24 13.54
N ARG A 208 16.05 5.54 12.48
CA ARG A 208 17.27 4.80 12.13
C ARG A 208 18.51 5.63 12.43
N ASP A 209 19.60 4.94 12.75
CA ASP A 209 20.95 5.54 12.82
C ASP A 209 21.61 5.49 11.46
N ARG A 210 22.31 6.55 11.09
CA ARG A 210 23.20 6.52 9.95
C ARG A 210 24.33 5.52 10.24
N PRO A 211 24.83 4.84 9.19
CA PRO A 211 24.35 4.89 7.82
C PRO A 211 23.14 3.95 7.61
N ASP A 212 22.21 4.39 6.78
CA ASP A 212 20.97 3.64 6.53
C ASP A 212 20.44 4.03 5.15
N PRO A 213 20.10 3.03 4.33
CA PRO A 213 19.71 3.30 2.95
C PRO A 213 18.34 4.00 2.83
N THR A 214 17.49 3.92 3.86
CA THR A 214 16.23 4.69 3.82
C THR A 214 16.49 6.19 4.02
N ILE A 215 17.45 6.51 4.90
CA ILE A 215 17.86 7.90 5.10
C ILE A 215 18.43 8.46 3.80
N ASP A 216 19.26 7.66 3.11
CA ASP A 216 19.85 8.05 1.84
C ASP A 216 18.78 8.40 0.80
N ILE A 217 17.73 7.59 0.72
CA ILE A 217 16.65 7.83 -0.24
C ILE A 217 15.94 9.15 0.09
N ILE A 218 15.62 9.36 1.36
CA ILE A 218 14.92 10.57 1.81
C ILE A 218 15.73 11.81 1.43
N GLU A 219 17.02 11.79 1.70
CA GLU A 219 17.87 12.95 1.42
C GLU A 219 18.14 13.14 -0.05
N GLU A 220 18.20 12.04 -0.79
CA GLU A 220 18.37 12.11 -2.24
C GLU A 220 17.15 12.69 -2.94
N LEU A 221 15.98 12.55 -2.33
CA LEU A 221 14.76 13.19 -2.83
C LEU A 221 14.67 14.68 -2.43
N ASP A 222 15.69 15.20 -1.76
CA ASP A 222 15.73 16.60 -1.25
C ASP A 222 14.75 16.83 -0.11
N ALA A 223 14.45 15.76 0.63
CA ALA A 223 13.58 15.84 1.77
C ALA A 223 14.43 15.83 3.03
N THR A 224 13.82 16.24 4.15
CA THR A 224 14.49 16.24 5.44
C THR A 224 14.10 14.99 6.25
N TYR A 225 15.11 14.28 6.71
CA TYR A 225 14.89 13.14 7.62
C TYR A 225 14.70 13.64 9.05
N VAL A 226 13.61 13.22 9.68
CA VAL A 226 13.31 13.54 11.07
C VAL A 226 13.37 12.25 11.87
N ASP A 227 14.25 12.23 12.88
CA ASP A 227 14.40 11.08 13.75
C ASP A 227 13.43 11.26 14.91
N SER A 228 12.46 10.34 15.01
CA SER A 228 11.43 10.42 16.06
C SER A 228 11.97 10.23 17.48
N ARG A 229 13.12 9.58 17.61
CA ARG A 229 13.81 9.44 18.91
C ARG A 229 14.35 10.79 19.42
N GLN A 230 14.66 11.69 18.49
CA GLN A 230 15.13 13.04 18.81
C GLN A 230 14.01 14.05 18.78
N THR A 231 13.17 14.01 17.74
CA THR A 231 12.08 14.96 17.56
C THR A 231 10.77 14.21 17.36
N PRO A 232 9.99 14.02 18.43
CA PRO A 232 8.67 13.44 18.27
C PRO A 232 7.73 14.33 17.46
N VAL A 233 6.69 13.72 16.89
CA VAL A 233 5.79 14.42 15.96
C VAL A 233 5.27 15.76 16.55
N GLU A 234 4.84 15.72 17.80
CA GLU A 234 4.32 16.94 18.46
C GLU A 234 5.32 18.10 18.54
N ASP A 235 6.61 17.80 18.52
CA ASP A 235 7.65 18.84 18.63
C ASP A 235 8.13 19.36 17.29
N VAL A 236 7.73 18.71 16.21
CA VAL A 236 8.19 19.07 14.87
C VAL A 236 7.99 20.54 14.50
N PRO A 237 6.83 21.13 14.82
CA PRO A 237 6.66 22.56 14.48
C PRO A 237 7.66 23.51 15.14
N ASP A 238 8.19 23.15 16.31
CA ASP A 238 9.20 23.97 17.00
C ASP A 238 10.56 23.87 16.31
N VAL A 239 10.95 22.65 15.96
CA VAL A 239 12.23 22.40 15.33
C VAL A 239 12.22 22.73 13.84
N TYR A 240 11.16 22.35 13.14
CA TYR A 240 11.11 22.52 11.68
C TYR A 240 10.04 23.53 11.29
N GLU A 241 8.83 23.05 10.97
CA GLU A 241 7.70 23.93 10.65
C GLU A 241 6.40 23.16 10.82
N GLN A 242 5.28 23.88 10.84
CA GLN A 242 3.96 23.23 10.77
C GLN A 242 3.74 22.69 9.38
N MET A 243 3.09 21.54 9.30
CA MET A 243 2.96 20.78 8.06
C MET A 243 1.54 20.89 7.54
N ASP A 244 1.39 21.30 6.29
CA ASP A 244 0.07 21.41 5.65
C ASP A 244 -0.58 20.05 5.41
N PHE A 245 0.24 19.06 5.10
CA PHE A 245 -0.25 17.71 4.81
C PHE A 245 0.59 16.71 5.55
N ILE A 246 -0.06 15.80 6.28
CA ILE A 246 0.64 14.69 6.92
C ILE A 246 0.07 13.37 6.40
N TYR A 247 0.95 12.43 6.09
CA TYR A 247 0.55 11.10 5.65
C TYR A 247 1.16 10.12 6.62
N GLU A 248 0.33 9.40 7.35
CA GLU A 248 0.79 8.50 8.38
C GLU A 248 0.90 7.10 7.81
N ALA A 249 2.10 6.51 7.88
CA ALA A 249 2.36 5.18 7.37
C ALA A 249 3.29 4.39 8.31
N THR A 250 3.07 4.57 9.62
CA THR A 250 3.82 3.83 10.64
C THR A 250 3.01 2.75 11.34
N GLY A 251 1.69 2.89 11.37
CA GLY A 251 0.86 1.99 12.17
C GLY A 251 1.00 2.19 13.67
N PHE A 252 1.60 3.30 14.09
CA PHE A 252 1.81 3.62 15.48
C PHE A 252 0.74 4.61 15.97
N PRO A 253 -0.19 4.15 16.85
CA PRO A 253 -1.36 4.97 17.21
C PRO A 253 -1.09 6.35 17.78
N LYS A 254 0.04 6.51 18.45
CA LYS A 254 0.45 7.82 18.96
C LYS A 254 0.53 8.86 17.83
N HIS A 255 0.98 8.40 16.67
CA HIS A 255 1.11 9.28 15.49
C HIS A 255 -0.22 9.75 14.96
N ALA A 256 -1.24 8.91 15.10
CA ALA A 256 -2.59 9.28 14.67
C ALA A 256 -3.11 10.48 15.47
N ILE A 257 -2.80 10.52 16.76
CA ILE A 257 -3.30 11.59 17.63
C ILE A 257 -2.40 12.82 17.59
N GLN A 258 -1.10 12.60 17.69
CA GLN A 258 -0.13 13.69 17.73
C GLN A 258 -0.01 14.47 16.44
N SER A 259 -0.41 13.84 15.33
CA SER A 259 -0.27 14.51 14.03
C SER A 259 -1.05 15.82 14.01
N VAL A 260 -2.15 15.89 14.76
CA VAL A 260 -2.95 17.10 14.81
C VAL A 260 -2.13 18.30 15.32
N GLN A 261 -1.22 18.04 16.26
CA GLN A 261 -0.37 19.11 16.81
C GLN A 261 0.67 19.59 15.79
N ALA A 262 1.10 18.71 14.89
CA ALA A 262 2.10 19.06 13.89
C ALA A 262 1.48 19.72 12.65
N LEU A 263 0.17 19.59 12.47
CA LEU A 263 -0.50 20.17 11.32
C LEU A 263 -0.54 21.70 11.37
N ALA A 264 -0.36 22.31 10.22
CA ALA A 264 -0.60 23.74 10.08
C ALA A 264 -2.10 23.99 10.11
N PRO A 265 -2.50 25.24 10.38
CA PRO A 265 -3.91 25.59 10.26
C PRO A 265 -4.46 25.20 8.89
N ASN A 266 -5.67 24.62 8.90
CA ASN A 266 -6.38 24.23 7.68
C ASN A 266 -5.79 22.99 7.00
N GLY A 267 -4.85 22.35 7.68
CA GLY A 267 -4.20 21.16 7.17
C GLY A 267 -5.02 19.90 7.35
N VAL A 268 -4.57 18.84 6.69
CA VAL A 268 -5.20 17.53 6.79
C VAL A 268 -4.14 16.45 6.97
N GLY A 269 -4.44 15.50 7.84
CA GLY A 269 -3.67 14.28 7.98
C GLY A 269 -4.43 13.10 7.40
N ALA A 270 -3.75 12.32 6.57
CA ALA A 270 -4.28 11.08 6.02
C ALA A 270 -3.69 9.95 6.82
N LEU A 271 -4.54 9.03 7.30
CA LEU A 271 -4.09 7.91 8.12
C LEU A 271 -4.22 6.62 7.32
N LEU A 272 -3.12 5.88 7.23
CA LEU A 272 -3.06 4.62 6.44
C LEU A 272 -2.63 3.41 7.24
N GLY A 273 -2.04 3.63 8.41
CA GLY A 273 -1.45 2.54 9.16
C GLY A 273 -2.50 1.62 9.73
N VAL A 274 -2.17 0.34 9.78
CA VAL A 274 -3.04 -0.67 10.40
C VAL A 274 -2.41 -0.94 11.77
N PRO A 275 -3.01 -0.41 12.83
CA PRO A 275 -2.35 -0.40 14.11
C PRO A 275 -2.66 -1.61 14.97
N SER A 276 -1.88 -1.77 16.03
CA SER A 276 -2.18 -2.71 17.10
C SER A 276 -2.83 -1.93 18.24
N ASP A 277 -3.51 -2.63 19.13
CA ASP A 277 -4.13 -2.01 20.32
C ASP A 277 -3.08 -1.29 21.15
N TRP A 278 -3.48 -0.16 21.74
CA TRP A 278 -2.54 0.71 22.42
C TRP A 278 -3.30 1.81 23.16
N ALA A 279 -3.05 1.93 24.45
CA ALA A 279 -3.69 2.96 25.26
C ALA A 279 -2.64 3.86 25.88
N PHE A 280 -2.94 5.15 25.96
CA PHE A 280 -2.04 6.08 26.61
C PHE A 280 -2.78 7.36 26.97
N GLU A 281 -2.14 8.21 27.78
CA GLU A 281 -2.77 9.44 28.24
C GLU A 281 -2.58 10.54 27.21
N VAL A 282 -3.70 11.04 26.69
CA VAL A 282 -3.72 12.06 25.66
C VAL A 282 -4.26 13.37 26.22
N ASP A 283 -3.66 14.49 25.82
CA ASP A 283 -4.28 15.79 26.03
C ASP A 283 -5.39 15.91 24.98
N ALA A 284 -6.57 15.45 25.35
CA ALA A 284 -7.74 15.47 24.46
C ALA A 284 -8.20 16.89 24.17
N GLY A 285 -8.06 17.77 25.16
CA GLY A 285 -8.40 19.16 24.99
C GLY A 285 -7.58 19.83 23.91
N ALA A 286 -6.28 19.52 23.87
CA ALA A 286 -5.39 20.08 22.85
C ALA A 286 -5.79 19.56 21.46
N PHE A 287 -6.08 18.28 21.37
CA PHE A 287 -6.52 17.65 20.14
C PHE A 287 -7.78 18.36 19.62
N HIS A 288 -8.76 18.48 20.50
CA HIS A 288 -10.08 19.03 20.19
C HIS A 288 -9.96 20.49 19.77
N ARG A 289 -9.27 21.30 20.56
CA ARG A 289 -9.12 22.70 20.25
C ARG A 289 -8.40 22.96 18.93
N GLU A 290 -7.33 22.22 18.66
CA GLU A 290 -6.62 22.38 17.38
C GLU A 290 -7.51 22.06 16.18
N MET A 291 -8.25 20.95 16.27
CA MET A 291 -9.14 20.55 15.18
C MET A 291 -10.14 21.64 14.85
N VAL A 292 -10.75 22.22 15.89
CA VAL A 292 -11.82 23.17 15.72
C VAL A 292 -11.31 24.57 15.35
N LEU A 293 -10.46 25.15 16.19
CA LEU A 293 -10.05 26.56 16.02
C LEU A 293 -9.17 26.78 14.79
N HIS A 294 -8.55 25.71 14.30
CA HIS A 294 -7.69 25.78 13.12
C HIS A 294 -8.17 24.96 11.95
N ASN A 295 -9.47 24.65 11.94
CA ASN A 295 -10.13 24.05 10.78
C ASN A 295 -9.36 22.88 10.22
N LYS A 296 -8.94 21.96 11.08
CA LYS A 296 -8.15 20.83 10.63
C LYS A 296 -9.03 19.61 10.31
N ALA A 297 -8.49 18.69 9.52
CA ALA A 297 -9.16 17.43 9.18
C ALA A 297 -8.22 16.22 9.34
N LEU A 298 -8.82 15.09 9.69
CA LEU A 298 -8.15 13.79 9.69
C LEU A 298 -9.01 12.87 8.87
N VAL A 299 -8.39 12.17 7.94
CA VAL A 299 -9.10 11.23 7.06
C VAL A 299 -8.36 9.89 7.04
N GLY A 300 -9.09 8.80 7.27
CA GLY A 300 -8.53 7.45 7.14
C GLY A 300 -8.87 6.88 5.79
N SER A 301 -8.01 5.99 5.29
CA SER A 301 -8.17 5.42 3.97
C SER A 301 -7.62 3.99 3.93
N VAL A 302 -8.37 3.11 3.28
CA VAL A 302 -7.92 1.73 3.11
C VAL A 302 -8.29 1.25 1.72
N ASN A 303 -7.42 0.40 1.15
CA ASN A 303 -7.67 -0.24 -0.12
C ASN A 303 -7.68 0.82 -1.24
N SER A 304 -8.19 0.44 -2.39
CA SER A 304 -8.18 1.29 -3.58
C SER A 304 -8.95 0.55 -4.65
N HIS A 305 -9.37 1.26 -5.69
CA HIS A 305 -10.07 0.64 -6.78
C HIS A 305 -9.55 1.08 -8.14
N VAL A 306 -10.24 0.67 -9.19
CA VAL A 306 -9.68 0.67 -10.55
C VAL A 306 -9.12 2.01 -10.94
N GLU A 307 -9.88 3.07 -10.70
CA GLU A 307 -9.46 4.41 -11.10
C GLU A 307 -8.13 4.81 -10.43
N HIS A 308 -7.91 4.33 -9.21
CA HIS A 308 -6.67 4.58 -8.49
C HIS A 308 -5.49 3.83 -9.11
N PHE A 309 -5.75 2.61 -9.60
CA PHE A 309 -4.74 1.80 -10.29
C PHE A 309 -4.37 2.46 -11.62
N GLU A 310 -5.37 2.96 -12.35
CA GLU A 310 -5.12 3.70 -13.58
C GLU A 310 -4.27 4.95 -13.36
N ALA A 311 -4.63 5.72 -12.34
CA ALA A 311 -3.88 6.90 -11.96
C ALA A 311 -2.44 6.54 -11.63
N ALA A 312 -2.26 5.41 -10.97
CA ALA A 312 -0.93 4.95 -10.57
C ALA A 312 0.00 4.75 -11.77
N THR A 313 -0.54 4.31 -12.90
CA THR A 313 0.30 4.08 -14.07
C THR A 313 0.93 5.41 -14.56
N VAL A 314 0.18 6.51 -14.42
CA VAL A 314 0.68 7.84 -14.79
C VAL A 314 1.74 8.32 -13.79
N THR A 315 1.46 8.15 -12.51
CA THR A 315 2.38 8.55 -11.46
C THR A 315 3.70 7.79 -11.60
N PHE A 316 3.61 6.50 -11.93
CA PHE A 316 4.78 5.63 -12.10
C PHE A 316 5.80 6.23 -13.06
N THR A 317 5.29 6.71 -14.21
CA THR A 317 6.11 7.32 -15.27
C THR A 317 6.84 8.58 -14.80
N LYS A 318 6.27 9.25 -13.81
CA LYS A 318 6.87 10.46 -13.26
C LYS A 318 7.95 10.21 -12.22
N LEU A 319 8.03 9.00 -11.67
CA LEU A 319 8.98 8.72 -10.59
C LEU A 319 10.40 8.60 -11.14
N PRO A 320 11.39 9.18 -10.43
CA PRO A 320 12.76 9.05 -10.94
C PRO A 320 13.22 7.60 -11.02
N LYS A 321 13.93 7.26 -12.09
CA LYS A 321 14.45 5.91 -12.28
C LYS A 321 15.43 5.50 -11.17
N TRP A 322 16.25 6.44 -10.70
CA TRP A 322 17.21 6.15 -9.63
C TRP A 322 16.44 5.75 -8.38
N PHE A 323 15.29 6.38 -8.16
CA PHE A 323 14.51 6.13 -6.97
C PHE A 323 13.96 4.69 -6.98
N LEU A 324 13.41 4.28 -8.11
CA LEU A 324 12.85 2.92 -8.24
C LEU A 324 13.92 1.86 -8.12
N GLU A 325 15.13 2.16 -8.59
CA GLU A 325 16.26 1.24 -8.45
C GLU A 325 16.67 1.07 -6.99
N ASP A 326 16.66 2.18 -6.25
CA ASP A 326 17.06 2.15 -4.85
C ASP A 326 15.98 1.58 -3.94
N LEU A 327 14.71 1.79 -4.28
CA LEU A 327 13.60 1.32 -3.46
C LEU A 327 13.50 -0.21 -3.46
N VAL A 328 13.69 -0.81 -4.62
CA VAL A 328 13.50 -2.24 -4.78
C VAL A 328 14.85 -2.89 -4.51
N THR A 329 15.00 -3.44 -3.32
CA THR A 329 16.28 -3.92 -2.87
C THR A 329 16.54 -5.38 -3.27
N GLY A 330 15.49 -6.14 -3.54
CA GLY A 330 15.69 -7.48 -4.09
C GLY A 330 14.49 -8.07 -4.76
N VAL A 331 14.68 -8.60 -5.97
CA VAL A 331 13.69 -9.43 -6.61
C VAL A 331 14.24 -10.84 -6.64
N HIS A 332 13.53 -11.76 -6.01
CA HIS A 332 14.02 -13.11 -5.79
C HIS A 332 13.25 -14.12 -6.59
N PRO A 333 13.96 -15.03 -7.27
CA PRO A 333 13.24 -16.10 -7.95
C PRO A 333 12.56 -16.99 -6.92
N LEU A 334 11.57 -17.75 -7.39
CA LEU A 334 10.79 -18.63 -6.54
C LEU A 334 11.70 -19.59 -5.74
N SER A 335 12.78 -20.02 -6.38
CA SER A 335 13.78 -20.88 -5.73
C SER A 335 14.37 -20.30 -4.46
N GLU A 336 14.41 -18.97 -4.34
CA GLU A 336 14.94 -18.28 -3.16
C GLU A 336 13.86 -17.46 -2.50
N PHE A 337 12.63 -17.96 -2.50
CA PHE A 337 11.52 -17.12 -2.06
C PHE A 337 11.66 -16.61 -0.64
N GLU A 338 12.30 -17.40 0.23
CA GLU A 338 12.43 -17.05 1.65
C GLU A 338 13.12 -15.71 1.85
N ALA A 339 14.10 -15.41 0.98
CA ALA A 339 14.83 -14.15 1.03
C ALA A 339 13.93 -12.91 0.97
N ALA A 340 12.80 -13.01 0.27
CA ALA A 340 11.86 -11.89 0.11
C ALA A 340 11.17 -11.49 1.40
N PHE A 341 11.16 -12.40 2.39
CA PHE A 341 10.50 -12.14 3.67
C PHE A 341 11.48 -11.72 4.77
N ASP A 342 12.77 -11.67 4.45
CA ASP A 342 13.77 -11.09 5.36
C ASP A 342 13.46 -9.63 5.56
N ASP A 343 13.53 -9.19 6.80
CA ASP A 343 13.23 -7.81 7.12
C ASP A 343 14.32 -7.25 8.04
N ASP A 344 15.39 -6.78 7.42
CA ASP A 344 16.39 -6.01 8.15
C ASP A 344 16.38 -4.58 7.63
N ASP A 345 17.18 -3.72 8.24
CA ASP A 345 17.16 -2.29 7.89
C ASP A 345 17.49 -1.98 6.43
N THR A 346 18.23 -2.86 5.77
CA THR A 346 18.68 -2.65 4.41
C THR A 346 17.73 -3.25 3.37
N THR A 347 16.69 -3.92 3.85
CA THR A 347 15.64 -4.44 2.99
C THR A 347 14.50 -3.42 2.95
N ILE A 348 14.23 -2.87 1.77
CA ILE A 348 13.18 -1.89 1.62
C ILE A 348 11.96 -2.55 0.97
N LYS A 349 11.96 -2.66 -0.36
CA LYS A 349 10.88 -3.35 -1.07
C LYS A 349 11.42 -4.60 -1.73
N THR A 350 10.77 -5.73 -1.48
CA THR A 350 11.15 -6.99 -2.13
C THR A 350 9.97 -7.52 -2.94
N ALA A 351 10.30 -8.45 -3.82
CA ALA A 351 9.32 -9.15 -4.62
C ALA A 351 9.82 -10.57 -4.92
N ILE A 352 8.90 -11.43 -5.29
CA ILE A 352 9.20 -12.78 -5.73
C ILE A 352 8.84 -12.88 -7.22
N GLU A 353 9.78 -13.36 -8.03
CA GLU A 353 9.57 -13.58 -9.44
C GLU A 353 9.16 -15.01 -9.72
N PHE A 354 7.95 -15.17 -10.26
CA PHE A 354 7.44 -16.48 -10.66
C PHE A 354 7.76 -16.84 -12.09
N SER A 355 7.75 -15.84 -12.97
CA SER A 355 8.06 -16.06 -14.38
C SER A 355 8.41 -14.73 -15.04
N THR A 356 8.85 -14.78 -16.30
CA THR A 356 9.21 -13.58 -17.05
C THR A 356 8.32 -13.50 -18.27
N VAL A 357 8.27 -12.34 -18.90
CA VAL A 357 7.41 -12.15 -20.07
C VAL A 357 8.08 -12.81 -21.26
PA NAP B . 6.67 -1.19 7.00
O1A NAP B . 7.58 -1.61 5.92
O2A NAP B . 6.59 -1.98 8.23
O5B NAP B . 7.06 0.33 7.34
C5B NAP B . 6.71 0.88 8.57
C4B NAP B . 7.83 1.81 8.96
O4B NAP B . 7.42 2.65 10.01
C3B NAP B . 9.08 1.04 9.41
O3B NAP B . 10.18 1.34 8.57
C2B NAP B . 9.29 1.54 10.83
O2B NAP B . 10.63 1.74 11.13
C1B NAP B . 8.52 2.86 10.86
N9A NAP B . 8.11 3.19 12.23
C8A NAP B . 7.30 2.47 13.06
N7A NAP B . 7.19 3.14 14.23
C5A NAP B . 7.92 4.26 14.15
C6A NAP B . 8.16 5.29 15.06
N6A NAP B . 7.62 5.28 16.26
N1A NAP B . 8.97 6.33 14.67
C2A NAP B . 9.53 6.37 13.40
N3A NAP B . 9.28 5.34 12.52
C4A NAP B . 8.49 4.32 12.89
O3 NAP B . 5.18 -1.07 6.41
PN NAP B . 4.70 -0.53 4.98
O1N NAP B . 5.49 0.66 4.54
O2N NAP B . 4.52 -1.66 4.04
O5D NAP B . 3.25 -0.02 5.47
C5D NAP B . 3.16 0.96 6.47
C4D NAP B . 1.84 0.83 7.22
O4D NAP B . 0.76 1.07 6.32
C3D NAP B . 1.60 -0.55 7.81
O3D NAP B . 0.90 -0.38 9.03
C2D NAP B . 0.72 -1.22 6.79
O2D NAP B . -0.04 -2.24 7.33
C1D NAP B . -0.12 -0.03 6.34
N1N NAP B . -0.76 -0.15 5.03
C2N NAP B . -2.07 0.21 4.93
C3N NAP B . -2.71 0.17 3.72
C7N NAP B . -4.07 0.77 3.61
O7N NAP B . -4.88 0.32 2.59
N7N NAP B . -4.48 1.67 4.51
C4N NAP B . -2.04 -0.27 2.59
C5N NAP B . -0.69 -0.63 2.70
C6N NAP B . -0.05 -0.56 3.94
P2B NAP B . 11.56 0.57 11.76
O1X NAP B . 11.86 -0.39 10.67
O2X NAP B . 10.89 -0.10 12.90
O3X NAP B . 12.82 1.32 12.17
C1 LGC C . -2.95 -3.51 2.27
C2 LGC C . -3.51 -3.49 0.89
O5 LGC C . -3.77 -3.51 3.42
O1 LGC C . -1.72 -3.54 2.42
O2 LGC C . -2.71 -2.68 0.07
C3 LGC C . -4.95 -3.01 0.83
O3 LGC C . -5.53 -3.45 -0.39
C4 LGC C . -5.78 -3.55 1.97
O4 LGC C . -7.07 -3.02 1.86
C5 LGC C . -5.14 -3.13 3.31
C6 LGC C . -5.91 -3.70 4.50
O6 LGC C . -5.85 -5.11 4.48
ZN ZN D . 0.75 -3.96 -0.16
#